data_6NDS
#
_entry.id   6NDS
#
_cell.length_a   91.460
_cell.length_b   91.460
_cell.length_c   78.850
_cell.angle_alpha   90.000
_cell.angle_beta   90.000
_cell.angle_gamma   90.000
#
_symmetry.space_group_name_H-M   'P 41 21 2'
#
loop_
_entity.id
_entity.type
_entity.pdbx_description
1 polymer '3-hydroxy-3-methylglutaryl-CoA lyase'
2 non-polymer 'COENZYME A'
3 non-polymer 'CITRIC ACID'
4 non-polymer 'ACETATE ION'
5 non-polymer 1,2-ETHANEDIOL
6 non-polymer 'ZINC ION'
7 water water
#
_entity_poly.entity_id   1
_entity_poly.type   'polypeptide(L)'
_entity_poly.pdbx_seq_one_letter_code
;MAHHHHHHMTAFSDLLVVQEVSPRDGLQIEPTWVPTDKKIDLINQLSTMGFSRIEAGSFVSPKAIPNLRDGEEVFTGITR
HKDIIYVGLIPNLKGALRAVEANANELNLVLSASQTHNLANMRMTKAQSFAGFTEIVEQLQGKTQFNGTVATTFGCPFEG
KISEREVFSLVEHYLKLGIHNITLADTTGMANPVQVKRIVSHVLSLISPEQLTLHFHNTRGLGLTNVLAAYEVGARRFDA
ALGGLGGCPFAPGASGNICTEDLVNMCEEIGIPTTIDLDALIQLSRTLPALLGHDTPSQLAKAGRNTDLHPIPDYIKSLN
;
_entity_poly.pdbx_strand_id   A
#
# COMPACT_ATOMS: atom_id res chain seq x y z
N MET A 9 -6.43 -12.89 27.03
CA MET A 9 -5.74 -13.87 26.21
C MET A 9 -5.71 -13.46 24.74
N THR A 10 -4.63 -13.80 24.04
CA THR A 10 -4.52 -13.49 22.62
C THR A 10 -5.67 -14.13 21.85
N ALA A 11 -6.28 -13.34 20.95
CA ALA A 11 -7.39 -13.80 20.14
C ALA A 11 -7.00 -13.79 18.68
N PHE A 12 -7.61 -14.72 17.93
CA PHE A 12 -7.40 -14.79 16.49
C PHE A 12 -7.65 -13.45 15.82
N SER A 13 -8.67 -12.72 16.29
CA SER A 13 -9.04 -11.47 15.64
C SER A 13 -8.10 -10.31 15.93
N ASP A 14 -7.19 -10.44 16.90
CA ASP A 14 -6.35 -9.32 17.32
C ASP A 14 -5.25 -8.95 16.34
N LEU A 15 -4.82 -9.90 15.49
CA LEU A 15 -3.63 -9.70 14.66
C LEU A 15 -3.78 -8.49 13.75
N LEU A 16 -2.79 -7.60 13.78
CA LEU A 16 -2.71 -6.54 12.79
C LEU A 16 -1.85 -7.05 11.64
N VAL A 17 -2.42 -7.03 10.43
CA VAL A 17 -1.82 -7.63 9.25
C VAL A 17 -1.06 -6.53 8.51
N VAL A 18 0.26 -6.55 8.61
CA VAL A 18 1.11 -5.53 8.00
C VAL A 18 1.41 -5.93 6.56
N GLN A 19 1.13 -5.03 5.61
CA GLN A 19 1.30 -5.30 4.18
C GLN A 19 2.31 -4.31 3.62
N GLU A 20 3.31 -4.80 2.89
CA GLU A 20 4.48 -4.00 2.53
C GLU A 20 4.32 -3.44 1.12
N VAL A 21 4.52 -2.13 0.96
CA VAL A 21 4.36 -1.50 -0.36
C VAL A 21 5.58 -0.69 -0.80
N SER A 22 6.71 -0.79 -0.09
CA SER A 22 7.85 0.00 -0.52
C SER A 22 8.32 -0.28 -1.95
N PRO A 23 8.26 -1.50 -2.50
CA PRO A 23 8.76 -1.68 -3.87
C PRO A 23 7.92 -0.98 -4.91
N ARG A 24 6.69 -0.58 -4.58
CA ARG A 24 5.80 0.09 -5.51
C ARG A 24 5.62 1.55 -5.08
N ASP A 25 4.89 1.80 -3.99
CA ASP A 25 4.66 3.18 -3.56
C ASP A 25 5.97 3.85 -3.20
N GLY A 26 6.88 3.09 -2.57
CA GLY A 26 8.15 3.67 -2.15
C GLY A 26 9.01 4.11 -3.31
N LEU A 27 9.13 3.26 -4.33
CA LEU A 27 10.08 3.53 -5.39
C LEU A 27 9.51 4.38 -6.52
N GLN A 28 8.19 4.47 -6.65
CA GLN A 28 7.65 5.16 -7.82
C GLN A 28 8.03 6.64 -7.84
N ILE A 29 8.22 7.24 -6.66
CA ILE A 29 8.51 8.67 -6.53
C ILE A 29 9.96 8.95 -6.14
N GLU A 30 10.76 7.93 -5.86
CA GLU A 30 12.16 8.14 -5.54
C GLU A 30 12.86 8.85 -6.70
N PRO A 31 13.71 9.84 -6.41
CA PRO A 31 14.36 10.57 -7.51
C PRO A 31 15.26 9.70 -8.37
N THR A 32 15.94 8.74 -7.78
CA THR A 32 16.93 7.96 -8.51
C THR A 32 16.38 6.58 -8.84
N TRP A 33 16.81 6.10 -9.99
CA TRP A 33 16.47 4.76 -10.45
C TRP A 33 17.10 3.71 -9.53
N VAL A 34 16.33 2.70 -9.15
CA VAL A 34 16.83 1.53 -8.45
C VAL A 34 16.99 0.42 -9.48
N PRO A 35 18.19 -0.09 -9.72
CA PRO A 35 18.38 -1.11 -10.76
C PRO A 35 17.49 -2.31 -10.53
N THR A 36 17.16 -2.98 -11.64
CA THR A 36 16.25 -4.10 -11.60
C THR A 36 16.69 -5.19 -10.62
N ASP A 37 17.97 -5.57 -10.64
CA ASP A 37 18.39 -6.65 -9.74
C ASP A 37 18.38 -6.20 -8.29
N LYS A 38 18.49 -4.90 -8.04
CA LYS A 38 18.41 -4.39 -6.67
CA LYS A 38 18.41 -4.42 -6.66
C LYS A 38 16.97 -4.30 -6.19
N LYS A 39 16.04 -4.01 -7.10
CA LYS A 39 14.62 -4.14 -6.76
C LYS A 39 14.30 -5.58 -6.37
N ILE A 40 14.80 -6.52 -7.15
CA ILE A 40 14.58 -7.94 -6.87
C ILE A 40 15.18 -8.31 -5.52
N ASP A 41 16.40 -7.83 -5.24
CA ASP A 41 17.04 -8.11 -3.95
CA ASP A 41 17.01 -8.15 -3.96
C ASP A 41 16.23 -7.58 -2.79
N LEU A 42 15.71 -6.35 -2.93
CA LEU A 42 14.93 -5.72 -1.87
C LEU A 42 13.67 -6.54 -1.58
N ILE A 43 12.96 -6.96 -2.63
CA ILE A 43 11.76 -7.77 -2.43
C ILE A 43 12.13 -9.12 -1.81
N ASN A 44 13.23 -9.73 -2.27
CA ASN A 44 13.65 -11.01 -1.69
C ASN A 44 13.93 -10.85 -0.19
N GLN A 45 14.51 -9.70 0.22
CA GLN A 45 14.75 -9.48 1.64
C GLN A 45 13.43 -9.24 2.38
N LEU A 46 12.54 -8.44 1.80
CA LEU A 46 11.25 -8.20 2.42
C LEU A 46 10.46 -9.49 2.58
N SER A 47 10.61 -10.41 1.62
CA SER A 47 9.94 -11.70 1.70
C SER A 47 10.38 -12.54 2.88
N THR A 48 11.49 -12.20 3.55
CA THR A 48 11.92 -12.96 4.71
C THR A 48 11.41 -12.37 6.02
N MET A 49 10.65 -11.27 5.97
CA MET A 49 10.33 -10.48 7.16
C MET A 49 9.00 -10.83 7.80
N GLY A 50 8.14 -11.60 7.13
CA GLY A 50 6.90 -12.07 7.71
C GLY A 50 5.63 -11.53 7.05
N PHE A 51 5.74 -10.70 6.01
CA PHE A 51 4.56 -10.12 5.37
C PHE A 51 3.72 -11.17 4.66
N SER A 52 2.39 -11.01 4.74
CA SER A 52 1.45 -11.83 3.99
C SER A 52 1.23 -11.32 2.57
N ARG A 53 1.47 -10.02 2.35
CA ARG A 53 1.31 -9.38 1.05
C ARG A 53 2.45 -8.41 0.84
N ILE A 54 3.03 -8.41 -0.36
CA ILE A 54 4.02 -7.44 -0.76
C ILE A 54 3.60 -6.91 -2.12
N GLU A 55 3.47 -5.60 -2.24
CA GLU A 55 3.16 -5.00 -3.55
C GLU A 55 4.50 -4.80 -4.25
N ALA A 56 4.80 -5.70 -5.19
CA ALA A 56 6.12 -5.79 -5.81
C ALA A 56 6.33 -4.83 -6.97
N GLY A 57 5.28 -4.20 -7.49
CA GLY A 57 5.46 -3.26 -8.58
C GLY A 57 4.13 -2.87 -9.18
N SER A 58 4.23 -2.16 -10.31
CA SER A 58 3.08 -1.65 -11.03
C SER A 58 3.19 -2.03 -12.49
N PHE A 59 2.04 -2.08 -13.16
CA PHE A 59 1.99 -2.30 -14.60
C PHE A 59 1.29 -1.10 -15.22
N VAL A 60 2.02 0.01 -15.27
CA VAL A 60 1.50 1.31 -15.68
C VAL A 60 2.39 1.86 -16.80
N SER A 61 1.93 2.94 -17.40
CA SER A 61 2.67 3.56 -18.50
C SER A 61 4.09 3.89 -18.05
N PRO A 62 5.10 3.53 -18.83
CA PRO A 62 6.47 3.98 -18.48
C PRO A 62 6.65 5.47 -18.64
N LYS A 63 5.77 6.15 -19.41
CA LYS A 63 5.83 7.60 -19.47
C LYS A 63 5.32 8.23 -18.19
N ALA A 64 4.35 7.60 -17.55
CA ALA A 64 3.79 8.09 -16.29
C ALA A 64 4.73 7.80 -15.12
N ILE A 65 5.24 6.58 -15.01
CA ILE A 65 6.03 6.17 -13.84
C ILE A 65 7.26 5.44 -14.34
N PRO A 66 8.28 6.16 -14.82
CA PRO A 66 9.46 5.48 -15.37
C PRO A 66 10.20 4.63 -14.35
N ASN A 67 10.11 4.96 -13.06
CA ASN A 67 10.84 4.19 -12.05
C ASN A 67 10.36 2.75 -11.91
N LEU A 68 9.13 2.45 -12.34
CA LEU A 68 8.58 1.11 -12.20
C LEU A 68 8.41 0.40 -13.54
N ARG A 69 9.09 0.88 -14.59
CA ARG A 69 8.88 0.32 -15.93
C ARG A 69 9.46 -1.07 -16.11
N ASP A 70 10.20 -1.58 -15.12
CA ASP A 70 10.75 -2.93 -15.17
C ASP A 70 9.90 -3.94 -14.41
N GLY A 71 8.59 -3.65 -14.24
CA GLY A 71 7.76 -4.51 -13.42
C GLY A 71 7.75 -5.97 -13.87
N GLU A 72 7.71 -6.20 -15.18
CA GLU A 72 7.68 -7.58 -15.66
C GLU A 72 8.92 -8.34 -15.22
N GLU A 73 10.10 -7.72 -15.37
CA GLU A 73 11.33 -8.42 -15.00
C GLU A 73 11.44 -8.58 -13.49
N VAL A 74 10.94 -7.60 -12.72
CA VAL A 74 10.95 -7.76 -11.28
C VAL A 74 10.11 -8.95 -10.86
N PHE A 75 8.88 -9.04 -11.39
CA PHE A 75 8.00 -10.16 -11.04
C PHE A 75 8.55 -11.49 -11.53
N THR A 76 9.28 -11.47 -12.65
CA THR A 76 9.92 -12.67 -13.19
C THR A 76 11.04 -13.15 -12.27
N GLY A 77 11.78 -12.21 -11.69
CA GLY A 77 13.05 -12.49 -11.06
C GLY A 77 13.01 -12.78 -9.58
N ILE A 78 11.96 -12.35 -8.87
CA ILE A 78 11.93 -12.52 -7.42
C ILE A 78 11.73 -13.98 -7.05
N THR A 79 12.21 -14.33 -5.86
CA THR A 79 11.94 -15.64 -5.28
C THR A 79 10.54 -15.64 -4.69
N ARG A 80 9.67 -16.54 -5.16
CA ARG A 80 8.28 -16.59 -4.71
C ARG A 80 8.20 -17.44 -3.44
N HIS A 81 7.87 -16.82 -2.32
CA HIS A 81 7.53 -17.57 -1.12
C HIS A 81 6.08 -18.03 -1.22
N LYS A 82 5.83 -19.30 -0.92
CA LYS A 82 4.51 -19.87 -1.18
C LYS A 82 3.42 -19.20 -0.36
N ASP A 83 3.76 -18.65 0.79
CA ASP A 83 2.83 -18.09 1.76
CA ASP A 83 2.73 -18.11 1.67
C ASP A 83 2.64 -16.59 1.62
N ILE A 84 3.18 -15.98 0.56
CA ILE A 84 3.09 -14.55 0.33
C ILE A 84 2.33 -14.30 -0.96
N ILE A 85 1.43 -13.33 -0.93
CA ILE A 85 0.73 -12.85 -2.12
C ILE A 85 1.49 -11.65 -2.66
N TYR A 86 2.04 -11.77 -3.87
CA TYR A 86 2.75 -10.69 -4.53
C TYR A 86 1.76 -9.93 -5.40
N VAL A 87 1.55 -8.65 -5.08
CA VAL A 87 0.50 -7.82 -5.64
C VAL A 87 1.10 -6.89 -6.68
N GLY A 88 0.40 -6.71 -7.80
CA GLY A 88 0.78 -5.68 -8.76
C GLY A 88 -0.31 -4.63 -8.91
N LEU A 89 0.07 -3.35 -8.94
CA LEU A 89 -0.88 -2.25 -9.14
C LEU A 89 -1.22 -2.10 -10.61
N ILE A 90 -2.52 -1.95 -10.88
N ILE A 90 -2.51 -2.06 -10.93
CA ILE A 90 -3.08 -2.00 -12.23
CA ILE A 90 -2.84 -1.89 -12.34
C ILE A 90 -3.99 -0.79 -12.47
C ILE A 90 -3.92 -0.83 -12.51
N PRO A 91 -3.85 -0.06 -13.59
CA PRO A 91 -4.80 1.03 -13.84
C PRO A 91 -5.86 0.72 -14.89
N ASN A 92 -5.63 -0.29 -15.73
CA ASN A 92 -6.48 -0.54 -16.89
C ASN A 92 -6.24 -1.96 -17.41
N LEU A 93 -6.93 -2.31 -18.49
CA LEU A 93 -6.89 -3.68 -19.00
C LEU A 93 -5.50 -4.07 -19.50
N LYS A 94 -4.81 -3.16 -20.20
CA LYS A 94 -3.47 -3.47 -20.68
C LYS A 94 -2.55 -3.85 -19.53
N GLY A 95 -2.62 -3.12 -18.41
CA GLY A 95 -1.80 -3.45 -17.26
C GLY A 95 -2.20 -4.76 -16.62
N ALA A 96 -3.50 -5.03 -16.55
CA ALA A 96 -3.96 -6.32 -16.01
C ALA A 96 -3.39 -7.49 -16.81
N LEU A 97 -3.40 -7.38 -18.14
CA LEU A 97 -2.90 -8.46 -18.97
C LEU A 97 -1.39 -8.65 -18.78
N ARG A 98 -0.65 -7.55 -18.66
CA ARG A 98 0.78 -7.63 -18.36
C ARG A 98 1.01 -8.32 -17.02
N ALA A 99 0.22 -7.96 -16.01
CA ALA A 99 0.41 -8.52 -14.67
C ALA A 99 0.14 -10.03 -14.67
N VAL A 100 -0.89 -10.47 -15.38
CA VAL A 100 -1.16 -11.91 -15.45
C VAL A 100 -0.03 -12.63 -16.17
N GLU A 101 0.49 -12.05 -17.26
CA GLU A 101 1.65 -12.64 -17.93
C GLU A 101 2.85 -12.74 -17.00
N ALA A 102 3.01 -11.80 -16.08
CA ALA A 102 4.09 -11.83 -15.11
C ALA A 102 3.74 -12.65 -13.86
N ASN A 103 2.58 -13.28 -13.84
CA ASN A 103 2.13 -14.12 -12.72
C ASN A 103 2.10 -13.34 -11.41
N ALA A 104 1.61 -12.10 -11.46
CA ALA A 104 1.22 -11.45 -10.22
C ALA A 104 0.14 -12.28 -9.55
N ASN A 105 0.25 -12.44 -8.22
CA ASN A 105 -0.74 -13.26 -7.51
C ASN A 105 -2.06 -12.53 -7.34
N GLU A 106 -2.01 -11.20 -7.31
CA GLU A 106 -3.19 -10.39 -7.08
C GLU A 106 -3.05 -9.08 -7.85
N LEU A 107 -4.13 -8.66 -8.46
CA LEU A 107 -4.17 -7.41 -9.21
C LEU A 107 -4.89 -6.37 -8.37
N ASN A 108 -4.20 -5.28 -8.05
CA ASN A 108 -4.73 -4.17 -7.26
C ASN A 108 -5.19 -3.07 -8.23
N LEU A 109 -6.50 -3.01 -8.46
CA LEU A 109 -7.09 -2.00 -9.32
CA LEU A 109 -7.10 -1.99 -9.31
C LEU A 109 -7.21 -0.70 -8.54
N VAL A 110 -6.91 0.43 -9.20
CA VAL A 110 -6.89 1.73 -8.50
C VAL A 110 -7.64 2.77 -9.30
N LEU A 111 -8.53 3.50 -8.63
CA LEU A 111 -9.04 4.77 -9.12
C LEU A 111 -9.18 5.72 -7.93
N SER A 112 -9.35 7.01 -8.20
CA SER A 112 -9.50 8.02 -7.15
C SER A 112 -10.96 8.43 -6.99
N ALA A 113 -11.37 8.68 -5.74
CA ALA A 113 -12.70 9.23 -5.51
C ALA A 113 -12.84 10.65 -6.05
N SER A 114 -11.73 11.35 -6.19
CA SER A 114 -11.71 12.68 -6.78
C SER A 114 -11.62 12.57 -8.30
N GLN A 115 -12.61 13.13 -9.00
CA GLN A 115 -12.53 13.13 -10.46
C GLN A 115 -11.27 13.85 -10.93
N THR A 116 -10.92 14.98 -10.29
CA THR A 116 -9.74 15.73 -10.72
C THR A 116 -8.47 14.90 -10.55
N HIS A 117 -8.33 14.23 -9.40
CA HIS A 117 -7.16 13.41 -9.19
C HIS A 117 -7.13 12.20 -10.12
N ASN A 118 -8.29 11.59 -10.39
CA ASN A 118 -8.30 10.46 -11.32
C ASN A 118 -7.86 10.90 -12.71
N LEU A 119 -8.31 12.07 -13.16
CA LEU A 119 -7.86 12.58 -14.45
C LEU A 119 -6.36 12.90 -14.43
N ALA A 120 -5.87 13.49 -13.34
CA ALA A 120 -4.45 13.84 -13.28
C ALA A 120 -3.56 12.61 -13.25
N ASN A 121 -4.02 11.53 -12.61
CA ASN A 121 -3.23 10.34 -12.33
C ASN A 121 -3.40 9.26 -13.40
N MET A 122 -4.65 9.03 -13.82
CA MET A 122 -5.00 7.96 -14.74
C MET A 122 -5.41 8.47 -16.12
N ARG A 123 -5.53 9.79 -16.29
CA ARG A 123 -5.91 10.40 -17.56
C ARG A 123 -7.25 9.84 -18.05
N MET A 124 -8.16 9.59 -17.12
CA MET A 124 -9.52 9.23 -17.48
C MET A 124 -10.44 9.49 -16.30
N THR A 125 -11.73 9.56 -16.61
CA THR A 125 -12.73 9.75 -15.58
C THR A 125 -12.89 8.48 -14.75
N LYS A 126 -13.57 8.63 -13.61
CA LYS A 126 -13.89 7.46 -12.81
C LYS A 126 -14.74 6.47 -13.59
N ALA A 127 -15.69 6.96 -14.39
CA ALA A 127 -16.51 6.06 -15.19
C ALA A 127 -15.66 5.27 -16.17
N GLN A 128 -14.67 5.93 -16.78
CA GLN A 128 -13.78 5.22 -17.70
C GLN A 128 -12.92 4.21 -16.95
N SER A 129 -12.47 4.55 -15.74
CA SER A 129 -11.71 3.58 -14.95
C SER A 129 -12.55 2.34 -14.69
N PHE A 130 -13.82 2.52 -14.32
CA PHE A 130 -14.64 1.36 -14.01
C PHE A 130 -15.05 0.60 -15.27
N ALA A 131 -15.15 1.28 -16.42
CA ALA A 131 -15.33 0.55 -17.67
C ALA A 131 -14.16 -0.40 -17.93
N GLY A 132 -12.94 0.05 -17.65
CA GLY A 132 -11.80 -0.86 -17.77
C GLY A 132 -11.85 -2.00 -16.77
N PHE A 133 -12.23 -1.68 -15.52
CA PHE A 133 -12.31 -2.71 -14.48
C PHE A 133 -13.31 -3.79 -14.86
N THR A 134 -14.45 -3.39 -15.42
CA THR A 134 -15.46 -4.36 -15.84
C THR A 134 -14.90 -5.31 -16.90
N GLU A 135 -14.13 -4.79 -17.86
CA GLU A 135 -13.53 -5.66 -18.85
C GLU A 135 -12.46 -6.55 -18.23
N ILE A 136 -11.69 -6.02 -17.26
CA ILE A 136 -10.69 -6.82 -16.58
C ILE A 136 -11.33 -8.03 -15.89
N VAL A 137 -12.41 -7.79 -15.16
CA VAL A 137 -13.11 -8.86 -14.46
C VAL A 137 -13.70 -9.84 -15.47
N GLU A 138 -14.27 -9.34 -16.56
CA GLU A 138 -14.89 -10.22 -17.54
C GLU A 138 -13.87 -11.17 -18.15
N GLN A 139 -12.65 -10.69 -18.39
CA GLN A 139 -11.64 -11.52 -19.05
C GLN A 139 -10.83 -12.37 -18.08
N LEU A 140 -10.58 -11.89 -16.86
CA LEU A 140 -9.60 -12.53 -15.99
C LEU A 140 -10.18 -13.12 -14.71
N GLN A 141 -11.48 -12.98 -14.46
CA GLN A 141 -12.06 -13.61 -13.28
C GLN A 141 -11.84 -15.12 -13.34
N GLY A 142 -11.44 -15.70 -12.21
CA GLY A 142 -11.10 -17.11 -12.18
C GLY A 142 -9.70 -17.42 -12.64
N LYS A 143 -8.98 -16.45 -13.20
CA LYS A 143 -7.58 -16.61 -13.57
C LYS A 143 -6.64 -15.88 -12.63
N THR A 144 -7.16 -15.03 -11.76
CA THR A 144 -6.37 -14.28 -10.79
C THR A 144 -7.32 -13.77 -9.71
N GLN A 145 -6.79 -13.01 -8.77
CA GLN A 145 -7.62 -12.40 -7.75
C GLN A 145 -7.39 -10.90 -7.71
N PHE A 146 -8.35 -10.18 -7.13
CA PHE A 146 -8.47 -8.74 -7.30
C PHE A 146 -8.58 -8.04 -5.96
N ASN A 147 -8.05 -6.82 -5.92
CA ASN A 147 -8.26 -5.85 -4.85
C ASN A 147 -8.73 -4.56 -5.51
N GLY A 148 -9.70 -3.89 -4.89
CA GLY A 148 -10.14 -2.61 -5.41
C GLY A 148 -9.76 -1.47 -4.50
N THR A 149 -8.96 -0.52 -4.99
CA THR A 149 -8.52 0.63 -4.20
C THR A 149 -9.33 1.87 -4.56
N VAL A 150 -9.73 2.60 -3.53
CA VAL A 150 -10.28 3.94 -3.70
C VAL A 150 -9.26 4.91 -3.15
N ALA A 151 -8.57 5.62 -4.04
CA ALA A 151 -7.63 6.67 -3.65
C ALA A 151 -8.39 7.96 -3.30
N THR A 152 -7.67 8.90 -2.68
CA THR A 152 -8.21 10.15 -2.14
C THR A 152 -9.51 9.92 -1.37
N THR A 153 -9.58 8.84 -0.59
CA THR A 153 -10.79 8.54 0.17
C THR A 153 -11.07 9.62 1.20
N PHE A 154 -10.03 10.20 1.78
CA PHE A 154 -10.16 11.09 2.92
C PHE A 154 -9.95 12.56 2.57
N GLY A 155 -9.93 12.90 1.29
CA GLY A 155 -9.67 14.24 0.82
C GLY A 155 -8.72 14.20 -0.36
N CYS A 156 -8.71 15.29 -1.12
CA CYS A 156 -7.97 15.40 -2.37
C CYS A 156 -7.12 16.66 -2.36
N PRO A 157 -5.86 16.58 -2.81
CA PRO A 157 -5.01 17.79 -2.85
C PRO A 157 -5.49 18.83 -3.85
N PHE A 158 -6.36 18.47 -4.80
CA PHE A 158 -6.91 19.42 -5.76
C PHE A 158 -8.29 19.92 -5.34
N GLU A 159 -9.19 19.01 -4.97
CA GLU A 159 -10.58 19.34 -4.73
C GLU A 159 -10.87 19.64 -3.27
N GLY A 160 -10.03 19.20 -2.36
CA GLY A 160 -10.27 19.39 -0.93
C GLY A 160 -11.14 18.27 -0.36
N LYS A 161 -12.29 18.64 0.20
CA LYS A 161 -13.17 17.65 0.82
C LYS A 161 -13.73 16.69 -0.24
N ILE A 162 -13.86 15.43 0.15
CA ILE A 162 -14.36 14.37 -0.73
C ILE A 162 -15.60 13.76 -0.09
N SER A 163 -16.67 13.66 -0.87
CA SER A 163 -17.93 13.14 -0.36
C SER A 163 -17.80 11.70 0.11
N GLU A 164 -18.19 11.45 1.36
CA GLU A 164 -18.15 10.09 1.88
C GLU A 164 -19.17 9.20 1.20
N ARG A 165 -20.31 9.75 0.80
CA ARG A 165 -21.29 8.99 0.01
C ARG A 165 -20.68 8.53 -1.30
N GLU A 166 -19.82 9.35 -1.91
CA GLU A 166 -19.19 8.96 -3.16
C GLU A 166 -18.18 7.84 -2.94
N VAL A 167 -17.40 7.91 -1.85
CA VAL A 167 -16.51 6.81 -1.49
C VAL A 167 -17.28 5.50 -1.37
N PHE A 168 -18.39 5.53 -0.63
CA PHE A 168 -19.18 4.31 -0.44
C PHE A 168 -19.78 3.80 -1.75
N SER A 169 -20.18 4.72 -2.63
CA SER A 169 -20.70 4.31 -3.94
C SER A 169 -19.64 3.59 -4.76
N LEU A 170 -18.39 4.06 -4.69
CA LEU A 170 -17.31 3.40 -5.42
C LEU A 170 -17.00 2.03 -4.82
N VAL A 171 -16.98 1.93 -3.49
CA VAL A 171 -16.82 0.62 -2.86
C VAL A 171 -17.93 -0.33 -3.32
N GLU A 172 -19.18 0.14 -3.33
CA GLU A 172 -20.28 -0.71 -3.75
C GLU A 172 -20.12 -1.14 -5.21
N HIS A 173 -19.57 -0.27 -6.06
CA HIS A 173 -19.36 -0.65 -7.45
C HIS A 173 -18.32 -1.76 -7.56
N TYR A 174 -17.24 -1.67 -6.78
CA TYR A 174 -16.29 -2.77 -6.72
C TYR A 174 -16.98 -4.08 -6.32
N LEU A 175 -17.83 -4.02 -5.28
CA LEU A 175 -18.53 -5.22 -4.83
C LEU A 175 -19.42 -5.79 -5.92
N LYS A 176 -20.06 -4.92 -6.70
CA LYS A 176 -20.94 -5.37 -7.78
C LYS A 176 -20.16 -6.18 -8.82
N LEU A 177 -18.89 -5.84 -9.03
CA LEU A 177 -18.01 -6.60 -9.89
C LEU A 177 -17.44 -7.85 -9.22
N GLY A 178 -17.85 -8.15 -7.98
CA GLY A 178 -17.34 -9.31 -7.29
C GLY A 178 -16.00 -9.09 -6.62
N ILE A 179 -15.56 -7.85 -6.52
CA ILE A 179 -14.29 -7.50 -5.87
C ILE A 179 -14.64 -7.06 -4.45
N HIS A 180 -14.45 -7.96 -3.49
CA HIS A 180 -14.81 -7.68 -2.10
C HIS A 180 -13.62 -7.32 -1.23
N ASN A 181 -12.40 -7.46 -1.73
CA ASN A 181 -11.24 -6.90 -1.03
C ASN A 181 -11.04 -5.46 -1.49
N ILE A 182 -11.02 -4.54 -0.53
CA ILE A 182 -11.08 -3.11 -0.77
C ILE A 182 -9.96 -2.42 0.00
N THR A 183 -9.27 -1.49 -0.65
CA THR A 183 -8.33 -0.60 0.03
C THR A 183 -8.88 0.82 0.02
N LEU A 184 -8.91 1.46 1.19
CA LEU A 184 -9.17 2.89 1.28
C LEU A 184 -7.84 3.60 1.49
N ALA A 185 -7.49 4.48 0.58
CA ALA A 185 -6.17 5.12 0.61
C ALA A 185 -6.29 6.61 0.90
N ASP A 186 -5.46 7.08 1.85
CA ASP A 186 -5.28 8.50 2.15
C ASP A 186 -4.04 9.01 1.42
N THR A 187 -4.24 9.34 0.15
CA THR A 187 -3.16 9.55 -0.80
C THR A 187 -2.22 10.68 -0.40
N THR A 188 -2.75 11.80 0.10
CA THR A 188 -1.87 12.89 0.52
C THR A 188 -2.01 13.20 2.01
N GLY A 189 -2.32 12.19 2.82
CA GLY A 189 -2.24 12.35 4.26
C GLY A 189 -3.16 13.41 4.80
N MET A 190 -4.42 13.40 4.36
CA MET A 190 -5.41 14.37 4.79
C MET A 190 -6.34 13.84 5.89
N ALA A 191 -6.26 12.56 6.24
CA ALA A 191 -7.21 11.96 7.17
C ALA A 191 -6.93 12.34 8.63
N ASN A 192 -7.98 12.35 9.44
CA ASN A 192 -7.86 12.53 10.88
C ASN A 192 -8.59 11.38 11.58
N PRO A 193 -8.26 11.12 12.85
CA PRO A 193 -8.78 9.90 13.50
C PRO A 193 -10.30 9.84 13.62
N VAL A 194 -10.99 10.95 13.88
CA VAL A 194 -12.45 10.90 14.00
C VAL A 194 -13.07 10.53 12.66
N GLN A 195 -12.60 11.18 11.60
CA GLN A 195 -13.05 10.87 10.25
C GLN A 195 -12.76 9.42 9.90
N VAL A 196 -11.57 8.93 10.27
CA VAL A 196 -11.23 7.53 10.00
C VAL A 196 -12.19 6.59 10.71
N LYS A 197 -12.51 6.86 11.97
CA LYS A 197 -13.44 5.96 12.67
C LYS A 197 -14.80 5.93 11.98
N ARG A 198 -15.28 7.09 11.52
CA ARG A 198 -16.59 7.14 10.88
C ARG A 198 -16.60 6.38 9.56
N ILE A 199 -15.59 6.60 8.72
CA ILE A 199 -15.56 5.94 7.41
C ILE A 199 -15.33 4.45 7.56
N VAL A 200 -14.37 4.05 8.42
CA VAL A 200 -14.06 2.64 8.56
C VAL A 200 -15.23 1.89 9.18
N SER A 201 -15.87 2.47 10.20
CA SER A 201 -17.06 1.82 10.78
C SER A 201 -18.09 1.56 9.70
N HIS A 202 -18.31 2.53 8.82
CA HIS A 202 -19.36 2.35 7.82
C HIS A 202 -18.95 1.30 6.79
N VAL A 203 -17.71 1.33 6.33
CA VAL A 203 -17.30 0.36 5.33
C VAL A 203 -17.31 -1.05 5.91
N LEU A 204 -16.98 -1.20 7.19
CA LEU A 204 -17.07 -2.51 7.85
C LEU A 204 -18.51 -3.00 8.05
N SER A 205 -19.52 -2.20 7.70
CA SER A 205 -20.87 -2.73 7.59
C SER A 205 -21.14 -3.33 6.21
N LEU A 206 -20.23 -3.12 5.26
CA LEU A 206 -20.29 -3.68 3.92
C LEU A 206 -19.36 -4.86 3.71
N ILE A 207 -18.15 -4.79 4.26
CA ILE A 207 -17.16 -5.85 4.11
C ILE A 207 -16.57 -6.16 5.48
N SER A 208 -15.78 -7.22 5.54
CA SER A 208 -15.26 -7.74 6.79
C SER A 208 -13.84 -7.25 7.04
N PRO A 209 -13.36 -7.36 8.29
CA PRO A 209 -11.96 -6.99 8.56
C PRO A 209 -10.95 -7.82 7.79
N GLU A 210 -11.32 -9.01 7.32
CA GLU A 210 -10.40 -9.74 6.46
C GLU A 210 -10.33 -9.16 5.05
N GLN A 211 -11.26 -8.28 4.69
CA GLN A 211 -11.35 -7.76 3.34
C GLN A 211 -10.89 -6.32 3.19
N LEU A 212 -10.85 -5.53 4.26
CA LEU A 212 -10.55 -4.10 4.20
C LEU A 212 -9.09 -3.83 4.48
N THR A 213 -8.43 -3.10 3.57
CA THR A 213 -7.10 -2.54 3.81
C THR A 213 -7.19 -1.02 3.97
N LEU A 214 -6.46 -0.47 4.94
CA LEU A 214 -6.27 0.97 5.05
C LEU A 214 -4.85 1.31 4.64
N HIS A 215 -4.72 2.35 3.81
CA HIS A 215 -3.44 2.76 3.23
C HIS A 215 -3.22 4.23 3.55
N PHE A 216 -2.51 4.53 4.65
CA PHE A 216 -2.32 5.90 5.10
C PHE A 216 -0.95 6.44 4.71
N HIS A 217 -0.92 7.69 4.25
CA HIS A 217 0.33 8.42 4.15
C HIS A 217 0.46 9.36 5.35
N ASN A 218 1.71 9.73 5.67
CA ASN A 218 2.02 10.44 6.92
C ASN A 218 2.27 11.94 6.69
N THR A 219 1.64 12.50 5.66
CA THR A 219 1.98 13.85 5.20
C THR A 219 1.81 14.90 6.29
N ARG A 220 0.82 14.74 7.16
CA ARG A 220 0.61 15.69 8.24
C ARG A 220 0.83 15.07 9.61
N GLY A 221 1.59 13.97 9.65
CA GLY A 221 2.03 13.41 10.92
C GLY A 221 1.00 12.61 11.67
N LEU A 222 -0.14 12.30 11.05
CA LEU A 222 -1.21 11.58 11.72
C LEU A 222 -1.29 10.11 11.31
N GLY A 223 -0.33 9.61 10.55
CA GLY A 223 -0.41 8.26 10.04
C GLY A 223 -0.63 7.18 11.08
N LEU A 224 0.24 7.11 12.11
CA LEU A 224 0.07 6.04 13.10
C LEU A 224 -1.15 6.29 13.99
N THR A 225 -1.49 7.55 14.23
CA THR A 225 -2.71 7.84 14.99
C THR A 225 -3.94 7.36 14.24
N ASN A 226 -3.93 7.51 12.91
CA ASN A 226 -5.04 7.02 12.09
C ASN A 226 -5.08 5.49 12.06
N VAL A 227 -3.92 4.83 12.02
CA VAL A 227 -3.89 3.36 12.11
C VAL A 227 -4.57 2.91 13.39
N LEU A 228 -4.16 3.48 14.52
CA LEU A 228 -4.71 3.02 15.80
C LEU A 228 -6.21 3.31 15.88
N ALA A 229 -6.64 4.47 15.37
CA ALA A 229 -8.07 4.77 15.36
C ALA A 229 -8.85 3.77 14.52
N ALA A 230 -8.33 3.40 13.35
CA ALA A 230 -8.98 2.39 12.52
C ALA A 230 -9.00 1.03 13.23
N TYR A 231 -7.88 0.66 13.86
CA TYR A 231 -7.83 -0.60 14.60
C TYR A 231 -8.88 -0.64 15.72
N GLU A 232 -9.07 0.49 16.40
CA GLU A 232 -10.03 0.55 17.51
C GLU A 232 -11.46 0.28 17.08
N VAL A 233 -11.81 0.51 15.80
CA VAL A 233 -13.15 0.21 15.31
C VAL A 233 -13.19 -1.05 14.45
N GLY A 234 -12.11 -1.85 14.44
CA GLY A 234 -12.14 -3.18 13.88
C GLY A 234 -11.28 -3.44 12.67
N ALA A 235 -10.62 -2.44 12.10
CA ALA A 235 -9.79 -2.67 10.92
C ALA A 235 -8.50 -3.38 11.33
N ARG A 236 -8.01 -4.24 10.43
CA ARG A 236 -6.85 -5.07 10.74
C ARG A 236 -5.76 -5.11 9.67
N ARG A 237 -6.04 -4.75 8.42
CA ARG A 237 -5.05 -4.83 7.36
C ARG A 237 -4.55 -3.43 7.01
N PHE A 238 -3.22 -3.23 7.03
CA PHE A 238 -2.66 -1.90 6.84
C PHE A 238 -1.43 -1.97 5.94
N ASP A 239 -1.39 -1.08 4.94
CA ASP A 239 -0.22 -0.92 4.08
C ASP A 239 0.82 -0.01 4.75
N ALA A 240 2.09 -0.31 4.53
CA ALA A 240 3.18 0.52 5.04
C ALA A 240 4.38 0.31 4.14
N ALA A 241 5.31 1.28 4.15
CA ALA A 241 6.53 1.19 3.34
C ALA A 241 7.75 1.19 4.24
N LEU A 242 8.70 0.29 3.94
CA LEU A 242 9.98 0.27 4.62
C LEU A 242 10.61 1.66 4.66
N GLY A 243 11.07 2.06 5.84
CA GLY A 243 11.74 3.34 5.99
C GLY A 243 10.86 4.57 5.82
N GLY A 244 9.55 4.39 5.61
CA GLY A 244 8.73 5.56 5.33
C GLY A 244 8.89 6.14 3.95
N LEU A 245 9.37 5.33 3.00
CA LEU A 245 9.41 5.76 1.61
C LEU A 245 7.99 6.03 1.11
N GLY A 246 7.88 6.72 -0.02
CA GLY A 246 6.65 6.69 -0.80
C GLY A 246 6.10 8.06 -1.14
N GLY A 247 4.97 8.03 -1.87
CA GLY A 247 4.30 9.21 -2.39
C GLY A 247 3.96 9.00 -3.84
N CYS A 248 2.90 9.69 -4.32
CA CYS A 248 2.51 9.63 -5.72
C CYS A 248 3.01 10.86 -6.46
N PRO A 249 3.67 10.70 -7.61
CA PRO A 249 4.22 11.87 -8.31
C PRO A 249 3.15 12.79 -8.89
N PHE A 250 1.91 12.32 -9.03
CA PHE A 250 0.85 13.12 -9.63
C PHE A 250 -0.13 13.65 -8.60
N ALA A 251 0.09 13.37 -7.30
CA ALA A 251 -0.62 14.03 -6.23
C ALA A 251 0.31 15.07 -5.61
N PRO A 252 0.10 16.37 -5.86
CA PRO A 252 1.12 17.37 -5.49
C PRO A 252 1.38 17.38 -4.01
N GLY A 253 2.67 17.46 -3.65
CA GLY A 253 3.07 17.44 -2.26
C GLY A 253 2.89 16.11 -1.56
N ALA A 254 2.64 15.04 -2.29
CA ALA A 254 2.54 13.73 -1.66
C ALA A 254 3.88 13.37 -1.01
N SER A 255 3.80 12.55 0.03
CA SER A 255 4.98 12.19 0.82
C SER A 255 4.81 10.75 1.28
N GLY A 256 5.65 10.34 2.24
CA GLY A 256 5.85 8.93 2.49
C GLY A 256 4.63 8.23 3.05
N ASN A 257 4.54 6.95 2.73
CA ASN A 257 3.66 6.05 3.44
C ASN A 257 4.02 6.04 4.91
N ILE A 258 3.12 5.52 5.73
CA ILE A 258 3.54 5.21 7.09
C ILE A 258 4.71 4.23 7.05
N CYS A 259 5.64 4.42 7.97
CA CYS A 259 6.86 3.63 8.02
C CYS A 259 6.61 2.25 8.62
N THR A 260 6.97 1.20 7.89
CA THR A 260 6.66 -0.16 8.33
C THR A 260 7.26 -0.46 9.70
N GLU A 261 8.54 -0.13 9.90
CA GLU A 261 9.13 -0.50 11.18
C GLU A 261 8.59 0.37 12.32
N ASP A 262 8.18 1.61 12.04
CA ASP A 262 7.52 2.40 13.07
C ASP A 262 6.15 1.82 13.42
N LEU A 263 5.40 1.35 12.41
CA LEU A 263 4.11 0.69 12.67
C LEU A 263 4.30 -0.59 13.48
N VAL A 264 5.26 -1.44 13.07
CA VAL A 264 5.47 -2.68 13.79
C VAL A 264 5.96 -2.42 15.21
N ASN A 265 6.80 -1.40 15.40
CA ASN A 265 7.21 -1.07 16.77
C ASN A 265 6.03 -0.64 17.62
N MET A 266 5.13 0.17 17.05
CA MET A 266 3.94 0.58 17.78
C MET A 266 3.15 -0.64 18.26
N CYS A 267 2.90 -1.58 17.34
CA CYS A 267 2.19 -2.81 17.68
C CYS A 267 2.93 -3.60 18.74
N GLU A 268 4.25 -3.75 18.58
CA GLU A 268 5.03 -4.56 19.51
C GLU A 268 5.01 -3.98 20.92
N GLU A 269 5.08 -2.65 21.03
CA GLU A 269 5.06 -2.01 22.34
C GLU A 269 3.68 -2.04 22.98
N ILE A 270 2.62 -1.89 22.19
CA ILE A 270 1.26 -1.90 22.72
C ILE A 270 0.83 -3.29 23.12
N GLY A 271 1.28 -4.30 22.38
CA GLY A 271 0.82 -5.66 22.55
C GLY A 271 -0.11 -6.14 21.46
N ILE A 272 -0.17 -5.45 20.33
CA ILE A 272 -0.94 -5.90 19.17
C ILE A 272 -0.10 -6.90 18.39
N PRO A 273 -0.57 -8.13 18.16
CA PRO A 273 0.26 -9.10 17.44
C PRO A 273 0.48 -8.67 15.98
N THR A 274 1.68 -8.96 15.48
CA THR A 274 2.00 -8.97 14.05
C THR A 274 2.81 -10.23 13.77
N THR A 275 3.04 -10.53 12.49
CA THR A 275 3.95 -11.63 12.16
C THR A 275 5.28 -11.12 11.61
N ILE A 276 5.64 -9.88 11.91
CA ILE A 276 6.82 -9.24 11.32
C ILE A 276 7.98 -9.32 12.32
N ASP A 277 9.18 -9.64 11.82
CA ASP A 277 10.40 -9.66 12.64
C ASP A 277 10.96 -8.24 12.72
N LEU A 278 10.68 -7.53 13.82
CA LEU A 278 11.00 -6.11 13.91
C LEU A 278 12.50 -5.87 13.87
N ASP A 279 13.27 -6.64 14.65
CA ASP A 279 14.71 -6.45 14.66
C ASP A 279 15.30 -6.57 13.25
N ALA A 280 14.88 -7.60 12.51
CA ALA A 280 15.41 -7.79 11.16
C ALA A 280 14.94 -6.69 10.22
N LEU A 281 13.72 -6.20 10.43
CA LEU A 281 13.20 -5.16 9.55
C LEU A 281 13.93 -3.84 9.76
N ILE A 282 14.25 -3.50 11.01
CA ILE A 282 15.04 -2.29 11.27
C ILE A 282 16.40 -2.41 10.60
N GLN A 283 17.03 -3.57 10.69
CA GLN A 283 18.34 -3.74 10.07
C GLN A 283 18.24 -3.56 8.56
N LEU A 284 17.18 -4.09 7.95
CA LEU A 284 17.00 -3.92 6.51
C LEU A 284 16.75 -2.45 6.17
N SER A 285 15.92 -1.76 6.94
CA SER A 285 15.67 -0.35 6.68
C SER A 285 16.95 0.47 6.75
N ARG A 286 17.86 0.11 7.64
CA ARG A 286 19.10 0.87 7.77
C ARG A 286 20.02 0.70 6.56
N THR A 287 19.74 -0.24 5.65
CA THR A 287 20.49 -0.34 4.41
C THR A 287 19.98 0.61 3.33
N LEU A 288 18.83 1.28 3.56
CA LEU A 288 18.27 2.13 2.51
C LEU A 288 19.11 3.36 2.16
N PRO A 289 19.69 4.08 3.12
CA PRO A 289 20.51 5.23 2.73
C PRO A 289 21.62 4.88 1.75
N ALA A 290 22.27 3.74 1.95
CA ALA A 290 23.31 3.32 1.00
C ALA A 290 22.73 3.00 -0.36
N LEU A 291 21.50 2.47 -0.40
CA LEU A 291 20.88 2.10 -1.67
C LEU A 291 20.41 3.33 -2.43
N LEU A 292 19.79 4.28 -1.73
CA LEU A 292 19.13 5.40 -2.36
C LEU A 292 19.94 6.68 -2.33
N GLY A 293 20.98 6.76 -1.51
CA GLY A 293 21.81 7.94 -1.46
C GLY A 293 21.28 9.06 -0.60
N HIS A 294 20.26 8.80 0.22
CA HIS A 294 19.73 9.79 1.15
C HIS A 294 19.08 9.06 2.30
N ASP A 295 18.88 9.78 3.40
CA ASP A 295 18.16 9.18 4.54
C ASP A 295 16.66 9.16 4.27
N THR A 296 15.96 8.36 5.06
CA THR A 296 14.52 8.16 4.88
C THR A 296 13.79 8.52 6.18
N PRO A 297 12.49 8.81 6.11
CA PRO A 297 11.73 9.23 7.31
C PRO A 297 11.29 8.06 8.17
N SER A 298 12.27 7.39 8.77
CA SER A 298 12.02 6.30 9.72
C SER A 298 12.52 6.72 11.09
N GLN A 299 11.61 6.76 12.07
CA GLN A 299 12.07 7.10 13.42
C GLN A 299 12.84 5.94 14.05
N LEU A 300 12.39 4.70 13.81
CA LEU A 300 13.06 3.55 14.41
C LEU A 300 14.44 3.31 13.79
N ALA A 301 14.62 3.58 12.50
CA ALA A 301 15.95 3.41 11.94
C ALA A 301 16.93 4.39 12.55
N LYS A 302 16.46 5.60 12.88
CA LYS A 302 17.32 6.62 13.49
C LYS A 302 17.62 6.29 14.95
N ALA A 303 16.60 5.93 15.72
CA ALA A 303 16.74 5.87 17.17
C ALA A 303 16.98 4.47 17.71
N GLY A 304 16.60 3.44 16.95
CA GLY A 304 16.56 2.10 17.50
C GLY A 304 15.36 1.92 18.40
N ARG A 305 15.08 0.67 18.74
CA ARG A 305 13.94 0.37 19.61
C ARG A 305 14.28 0.70 21.06
N ASN A 306 13.25 0.63 21.93
CA ASN A 306 13.41 0.99 23.34
C ASN A 306 14.54 0.22 24.01
N THR A 307 14.69 -1.07 23.66
CA THR A 307 15.62 -1.94 24.36
C THR A 307 17.06 -1.74 23.91
N ASP A 308 17.30 -0.91 22.91
CA ASP A 308 18.67 -0.50 22.54
C ASP A 308 19.13 0.54 23.56
N LEU A 309 19.75 0.08 24.64
CA LEU A 309 20.15 0.96 25.71
C LEU A 309 21.52 1.57 25.42
N HIS A 310 21.83 2.64 26.15
CA HIS A 310 23.06 3.37 25.90
C HIS A 310 24.01 3.25 27.07
N PRO A 311 25.32 3.28 26.83
CA PRO A 311 26.27 3.07 27.92
C PRO A 311 26.26 4.22 28.90
N ILE A 312 26.49 3.90 30.17
CA ILE A 312 26.51 4.93 31.22
C ILE A 312 27.82 5.71 31.11
N PRO A 313 27.78 7.05 31.11
CA PRO A 313 28.96 7.92 30.94
C PRO A 313 30.07 7.66 31.95
#